data_6ZF3
#
_entry.id   6ZF3
#
_cell.length_a   103.153
_cell.length_b   103.153
_cell.length_c   55.287
_cell.angle_alpha   90.000
_cell.angle_beta   90.000
_cell.angle_gamma   120.000
#
_symmetry.space_group_name_H-M   'P 61'
#
loop_
_entity.id
_entity.type
_entity.pdbx_description
1 polymer 'Kelch-like ECH-associated protein 1'
2 non-polymer ~{N}-[3-[5-cyclopropyl-4-(2~{H}-1,2,3,4-tetrazol-5-yl)pyrazol-1-yl]phenyl]benzenesulfonamide
3 non-polymer 'SULFATE ION'
4 non-polymer 'DIMETHYL SULFOXIDE'
5 water water
#
_entity_poly.entity_id   1
_entity_poly.type   'polypeptide(L)'
_entity_poly.pdbx_seq_one_letter_code
;GPKVGRLIYTAGGYFRQSLSYLEAYNPSNGSWLRLADLQVPRSGLAGCVVGGLLYAVGGRNNSPDGNTDSSALDCYNPMT
NQWSPCASMSVPRNRIGVGVIDGHIYAVGGSHGCIHHSSVERYEPERDEWHLVAPMLTRRIGVGVAVLNRLLYAVGGFDG
TNRLNSAECYYPERNEWRMITPMNTIRSGAGVCVLHNCIYAAGGYDGQDQLNSVERYDVETETWTFVAPMRHHRSALGIT
VHQGKIYVLGGYDGHTFLDSVECYDPDSDTWSEVTRMTSGRSGVGVAVTMEPCRKQIDQQNCTC
;
_entity_poly.pdbx_strand_id   A
#
loop_
_chem_comp.id
_chem_comp.type
_chem_comp.name
_chem_comp.formula
DMS non-polymer 'DIMETHYL SULFOXIDE' 'C2 H6 O S'
QH5 non-polymer ~{N}-[3-[5-cyclopropyl-4-(2~{H}-1,2,3,4-tetrazol-5-yl)pyrazol-1-yl]phenyl]benzenesulfonamide 'C19 H17 N7 O2 S'
SO4 non-polymer 'SULFATE ION' 'O4 S -2'
#
# COMPACT_ATOMS: atom_id res chain seq x y z
N VAL A 4 -6.78 -15.78 15.96
CA VAL A 4 -7.30 -16.60 14.87
C VAL A 4 -8.37 -15.88 14.09
N GLY A 5 -8.64 -16.40 12.89
CA GLY A 5 -9.75 -15.93 12.08
C GLY A 5 -9.47 -14.73 11.21
N ARG A 6 -8.21 -14.42 10.92
CA ARG A 6 -7.87 -13.22 10.16
C ARG A 6 -7.57 -13.56 8.70
N LEU A 7 -7.99 -12.67 7.80
CA LEU A 7 -7.80 -12.88 6.38
C LEU A 7 -7.02 -11.73 5.77
N ILE A 8 -6.39 -12.01 4.62
CA ILE A 8 -5.74 -10.99 3.80
C ILE A 8 -6.74 -10.51 2.76
N TYR A 9 -7.16 -9.26 2.87
CA TYR A 9 -8.14 -8.65 1.97
C TYR A 9 -7.42 -7.89 0.88
N THR A 10 -7.84 -8.08 -0.37
CA THR A 10 -7.32 -7.32 -1.51
C THR A 10 -8.47 -6.59 -2.18
N ALA A 11 -8.32 -5.29 -2.31
CA ALA A 11 -9.38 -4.42 -2.82
C ALA A 11 -8.91 -3.71 -4.08
N GLY A 12 -9.77 -3.69 -5.10
CA GLY A 12 -9.49 -2.93 -6.29
C GLY A 12 -8.37 -3.53 -7.12
N GLY A 13 -7.71 -2.66 -7.86
CA GLY A 13 -6.61 -3.03 -8.73
C GLY A 13 -6.89 -2.68 -10.17
N TYR A 14 -6.04 -3.20 -11.03
CA TYR A 14 -6.08 -2.89 -12.45
C TYR A 14 -5.74 -4.12 -13.27
N PHE A 15 -6.59 -4.38 -14.28
CA PHE A 15 -6.28 -5.27 -15.39
C PHE A 15 -7.15 -4.80 -16.55
N ARG A 16 -6.54 -4.13 -17.53
CA ARG A 16 -7.23 -3.52 -18.66
C ARG A 16 -7.97 -2.26 -18.25
N GLN A 17 -8.65 -2.30 -17.11
CA GLN A 17 -9.28 -1.13 -16.51
C GLN A 17 -9.21 -1.30 -14.99
N SER A 18 -9.56 -0.26 -14.25
CA SER A 18 -9.61 -0.38 -12.79
C SER A 18 -10.72 -1.32 -12.38
N LEU A 19 -10.54 -1.96 -11.24
CA LEU A 19 -11.37 -3.07 -10.79
C LEU A 19 -12.06 -2.74 -9.49
N SER A 20 -13.22 -3.38 -9.27
CA SER A 20 -13.99 -3.19 -8.05
CA SER A 20 -14.00 -3.19 -8.06
C SER A 20 -13.90 -4.38 -7.10
N TYR A 21 -13.06 -5.37 -7.40
CA TYR A 21 -13.08 -6.60 -6.64
C TYR A 21 -12.66 -6.37 -5.19
N LEU A 22 -13.33 -7.08 -4.29
CA LEU A 22 -12.86 -7.27 -2.92
C LEU A 22 -12.83 -8.77 -2.71
N GLU A 23 -11.65 -9.31 -2.45
CA GLU A 23 -11.46 -10.74 -2.26
C GLU A 23 -10.55 -10.95 -1.06
N ALA A 24 -10.78 -12.06 -0.34
CA ALA A 24 -10.08 -12.29 0.92
C ALA A 24 -9.51 -13.68 0.93
N TYR A 25 -8.22 -13.77 1.26
CA TYR A 25 -7.47 -15.01 1.28
C TYR A 25 -7.27 -15.47 2.72
N ASN A 26 -7.50 -16.75 2.97
CA ASN A 26 -7.32 -17.33 4.29
C ASN A 26 -6.05 -18.17 4.31
N PRO A 27 -4.97 -17.68 4.91
CA PRO A 27 -3.72 -18.47 4.90
C PRO A 27 -3.86 -19.82 5.59
N SER A 28 -4.85 -19.97 6.48
CA SER A 28 -4.97 -21.21 7.22
C SER A 28 -5.52 -22.36 6.37
N ASN A 29 -6.24 -22.06 5.28
CA ASN A 29 -6.77 -23.14 4.45
C ASN A 29 -6.65 -22.92 2.96
N GLY A 30 -6.00 -21.86 2.50
CA GLY A 30 -5.77 -21.62 1.09
C GLY A 30 -6.96 -21.07 0.32
N SER A 31 -8.08 -20.81 0.98
CA SER A 31 -9.29 -20.41 0.26
C SER A 31 -9.33 -18.92 -0.01
N TRP A 32 -10.03 -18.57 -1.09
CA TRP A 32 -10.36 -17.20 -1.43
C TRP A 32 -11.87 -17.03 -1.38
N LEU A 33 -12.30 -15.89 -0.89
CA LEU A 33 -13.71 -15.52 -0.91
C LEU A 33 -13.87 -14.24 -1.70
N ARG A 34 -14.87 -14.18 -2.56
CA ARG A 34 -15.24 -12.93 -3.21
C ARG A 34 -16.31 -12.24 -2.37
N LEU A 35 -16.06 -11.00 -2.02
CA LEU A 35 -16.91 -10.22 -1.13
C LEU A 35 -17.52 -9.05 -1.90
N ALA A 36 -18.16 -8.14 -1.18
CA ALA A 36 -18.90 -7.06 -1.82
C ALA A 36 -17.96 -6.17 -2.63
N ASP A 37 -18.34 -5.90 -3.88
CA ASP A 37 -17.54 -5.01 -4.73
C ASP A 37 -17.47 -3.62 -4.12
N LEU A 38 -16.33 -2.96 -4.32
CA LEU A 38 -16.25 -1.52 -4.12
C LEU A 38 -17.36 -0.82 -4.87
N GLN A 39 -17.82 0.32 -4.33
CA GLN A 39 -18.83 1.10 -5.02
C GLN A 39 -18.31 1.70 -6.31
N VAL A 40 -17.03 2.06 -6.35
CA VAL A 40 -16.39 2.67 -7.51
C VAL A 40 -15.12 1.88 -7.81
N PRO A 41 -14.89 1.42 -9.04
CA PRO A 41 -13.62 0.73 -9.33
C PRO A 41 -12.45 1.66 -9.08
N ARG A 42 -11.33 1.09 -8.61
CA ARG A 42 -10.16 1.91 -8.36
C ARG A 42 -8.90 1.07 -8.37
N SER A 43 -7.86 1.62 -8.98
CA SER A 43 -6.50 1.14 -8.93
C SER A 43 -5.64 2.20 -8.26
N GLY A 44 -4.46 1.82 -7.78
CA GLY A 44 -3.58 2.81 -7.19
C GLY A 44 -4.05 3.33 -5.86
N LEU A 45 -4.94 2.60 -5.22
CA LEU A 45 -5.42 2.89 -3.89
C LEU A 45 -4.54 2.20 -2.84
N ALA A 46 -4.82 2.48 -1.58
CA ALA A 46 -4.22 1.75 -0.48
C ALA A 46 -5.32 1.28 0.45
N GLY A 47 -5.05 0.17 1.13
CA GLY A 47 -5.91 -0.35 2.17
C GLY A 47 -5.28 -0.23 3.55
N CYS A 48 -6.12 -0.19 4.58
CA CYS A 48 -5.67 -0.27 5.96
C CYS A 48 -6.87 -0.68 6.80
N VAL A 49 -6.60 -0.97 8.06
CA VAL A 49 -7.62 -1.41 8.99
C VAL A 49 -7.50 -0.61 10.27
N VAL A 50 -8.64 -0.16 10.77
CA VAL A 50 -8.73 0.47 12.09
C VAL A 50 -9.98 -0.07 12.76
N GLY A 51 -9.85 -0.54 14.00
CA GLY A 51 -11.01 -1.01 14.72
C GLY A 51 -11.73 -2.15 14.04
N GLY A 52 -11.00 -3.01 13.35
CA GLY A 52 -11.60 -4.14 12.65
C GLY A 52 -12.30 -3.80 11.37
N LEU A 53 -12.33 -2.53 10.96
CA LEU A 53 -12.93 -2.12 9.70
C LEU A 53 -11.85 -1.91 8.66
N LEU A 54 -12.14 -2.30 7.43
CA LEU A 54 -11.23 -2.15 6.31
C LEU A 54 -11.52 -0.84 5.59
N TYR A 55 -10.48 -0.06 5.30
CA TYR A 55 -10.63 1.21 4.61
C TYR A 55 -9.91 1.12 3.27
N ALA A 56 -10.56 1.67 2.24
CA ALA A 56 -10.01 1.84 0.91
C ALA A 56 -9.83 3.34 0.67
N VAL A 57 -8.62 3.74 0.33
CA VAL A 57 -8.22 5.16 0.34
C VAL A 57 -7.68 5.55 -1.02
N GLY A 58 -8.25 6.59 -1.62
CA GLY A 58 -7.70 7.14 -2.84
C GLY A 58 -7.74 6.19 -4.04
N GLY A 59 -6.82 6.41 -4.95
CA GLY A 59 -6.74 5.67 -6.19
C GLY A 59 -7.23 6.49 -7.39
N ARG A 60 -7.58 5.76 -8.44
CA ARG A 60 -8.07 6.33 -9.69
C ARG A 60 -8.97 5.29 -10.34
N ASN A 61 -10.07 5.75 -10.92
CA ASN A 61 -10.90 4.89 -11.75
C ASN A 61 -10.52 5.09 -13.21
N ASN A 62 -9.72 4.16 -13.74
CA ASN A 62 -9.42 4.07 -15.16
C ASN A 62 -10.53 3.25 -15.80
N SER A 63 -11.34 3.90 -16.62
CA SER A 63 -12.45 3.22 -17.25
C SER A 63 -12.53 3.64 -18.71
N PRO A 64 -13.41 3.01 -19.50
CA PRO A 64 -13.66 3.54 -20.86
C PRO A 64 -14.22 4.96 -20.85
N ASP A 65 -15.08 5.28 -19.87
CA ASP A 65 -15.70 6.59 -19.81
C ASP A 65 -14.77 7.68 -19.27
N GLY A 66 -13.56 7.34 -18.82
CA GLY A 66 -12.62 8.35 -18.41
C GLY A 66 -11.67 7.84 -17.34
N ASN A 67 -10.85 8.76 -16.83
CA ASN A 67 -9.89 8.47 -15.77
C ASN A 67 -10.10 9.51 -14.68
N THR A 68 -10.54 9.06 -13.52
CA THR A 68 -10.92 9.98 -12.45
C THR A 68 -10.13 9.65 -11.19
N ASP A 69 -9.27 10.57 -10.76
CA ASP A 69 -8.54 10.39 -9.51
C ASP A 69 -9.52 10.47 -8.35
N SER A 70 -9.25 9.67 -7.31
CA SER A 70 -10.16 9.55 -6.18
C SER A 70 -9.67 10.27 -4.94
N SER A 71 -10.56 11.05 -4.33
CA SER A 71 -10.38 11.56 -2.97
C SER A 71 -11.13 10.72 -1.95
N ALA A 72 -11.64 9.56 -2.35
CA ALA A 72 -12.58 8.82 -1.52
C ALA A 72 -11.91 8.04 -0.41
N LEU A 73 -12.63 7.95 0.69
CA LEU A 73 -12.38 7.02 1.79
C LEU A 73 -13.65 6.22 1.97
N ASP A 74 -13.55 4.90 1.84
CA ASP A 74 -14.70 4.01 1.98
C ASP A 74 -14.33 2.94 3.01
N CYS A 75 -15.34 2.50 3.74
N CYS A 75 -15.30 2.53 3.81
CA CYS A 75 -15.15 1.59 4.87
CA CYS A 75 -15.02 1.57 4.87
C CYS A 75 -15.95 0.32 4.63
C CYS A 75 -15.92 0.35 4.72
N TYR A 76 -15.29 -0.82 4.77
CA TYR A 76 -15.93 -2.12 4.65
C TYR A 76 -16.00 -2.78 6.01
N ASN A 77 -17.20 -3.22 6.40
CA ASN A 77 -17.40 -3.91 7.67
C ASN A 77 -17.57 -5.39 7.41
N PRO A 78 -16.62 -6.23 7.81
CA PRO A 78 -16.78 -7.67 7.57
C PRO A 78 -18.03 -8.27 8.20
N MET A 79 -18.54 -7.67 9.28
CA MET A 79 -19.73 -8.22 9.93
C MET A 79 -20.96 -8.12 9.04
N THR A 80 -21.03 -7.11 8.17
CA THR A 80 -22.18 -6.90 7.31
C THR A 80 -21.91 -7.15 5.84
N ASN A 81 -20.65 -7.32 5.45
CA ASN A 81 -20.27 -7.41 4.04
C ASN A 81 -20.80 -6.22 3.25
N GLN A 82 -20.68 -5.02 3.83
CA GLN A 82 -21.14 -3.79 3.19
C GLN A 82 -20.07 -2.72 3.25
N TRP A 83 -19.97 -1.97 2.14
CA TRP A 83 -19.17 -0.76 2.07
C TRP A 83 -20.03 0.46 2.41
N SER A 84 -19.42 1.40 3.13
CA SER A 84 -20.04 2.67 3.47
C SER A 84 -19.08 3.81 3.18
N PRO A 85 -19.54 4.89 2.57
CA PRO A 85 -18.66 6.05 2.36
C PRO A 85 -18.34 6.75 3.67
N CYS A 86 -17.12 7.26 3.73
CA CYS A 86 -16.66 8.13 4.81
C CYS A 86 -16.32 9.49 4.22
N ALA A 87 -15.93 10.41 5.07
CA ALA A 87 -15.54 11.73 4.59
C ALA A 87 -14.41 11.61 3.58
N SER A 88 -14.47 12.43 2.54
CA SER A 88 -13.43 12.44 1.51
C SER A 88 -12.24 13.28 1.93
N MET A 89 -11.08 12.94 1.38
CA MET A 89 -9.87 13.70 1.60
C MET A 89 -9.95 15.07 0.94
N SER A 90 -8.98 15.93 1.29
CA SER A 90 -8.97 17.29 0.77
C SER A 90 -8.69 17.34 -0.73
N VAL A 91 -8.13 16.28 -1.30
N VAL A 91 -8.05 16.32 -1.27
CA VAL A 91 -7.61 16.30 -2.67
CA VAL A 91 -7.64 16.30 -2.67
C VAL A 91 -7.60 14.88 -3.20
C VAL A 91 -7.74 14.87 -3.19
N PRO A 92 -7.81 14.68 -4.50
CA PRO A 92 -7.64 13.33 -5.05
C PRO A 92 -6.19 12.87 -4.92
N ARG A 93 -6.01 11.57 -4.66
CA ARG A 93 -4.67 10.98 -4.49
C ARG A 93 -4.64 9.60 -5.12
N ASN A 94 -4.18 9.53 -6.36
CA ASN A 94 -3.87 8.27 -7.02
C ASN A 94 -2.44 7.87 -6.68
N ARG A 95 -2.17 6.56 -6.70
CA ARG A 95 -0.82 6.05 -6.42
C ARG A 95 -0.39 6.54 -5.04
N ILE A 96 -1.29 6.36 -4.09
CA ILE A 96 -1.18 6.84 -2.72
C ILE A 96 -0.48 5.81 -1.85
N GLY A 97 0.04 6.26 -0.71
CA GLY A 97 0.44 5.38 0.38
C GLY A 97 -0.31 5.80 1.63
N VAL A 98 -0.58 4.83 2.51
CA VAL A 98 -1.25 5.11 3.78
C VAL A 98 -0.58 4.36 4.91
N GLY A 99 -0.71 4.92 6.12
CA GLY A 99 -0.27 4.25 7.34
C GLY A 99 -1.18 4.66 8.47
N VAL A 100 -1.25 3.81 9.49
CA VAL A 100 -2.10 4.05 10.65
C VAL A 100 -1.23 4.25 11.88
N ILE A 101 -1.44 5.36 12.60
CA ILE A 101 -0.81 5.60 13.90
C ILE A 101 -1.93 5.82 14.92
N ASP A 102 -1.94 5.00 15.97
CA ASP A 102 -2.84 5.19 17.09
C ASP A 102 -4.29 5.45 16.64
N GLY A 103 -4.76 4.62 15.71
CA GLY A 103 -6.14 4.71 15.30
C GLY A 103 -6.46 5.77 14.27
N HIS A 104 -5.46 6.44 13.73
CA HIS A 104 -5.65 7.51 12.76
C HIS A 104 -5.00 7.14 11.44
N ILE A 105 -5.69 7.40 10.34
CA ILE A 105 -5.21 7.05 9.00
C ILE A 105 -4.47 8.24 8.41
N TYR A 106 -3.22 8.04 8.01
CA TYR A 106 -2.46 9.05 7.30
C TYR A 106 -2.47 8.72 5.81
N ALA A 107 -2.92 9.67 4.99
CA ALA A 107 -2.87 9.57 3.55
C ALA A 107 -1.71 10.42 3.06
N VAL A 108 -0.81 9.81 2.26
CA VAL A 108 0.48 10.39 1.95
C VAL A 108 0.65 10.50 0.44
N GLY A 109 0.92 11.72 -0.03
CA GLY A 109 1.38 11.89 -1.39
C GLY A 109 0.33 11.50 -2.43
N GLY A 110 0.80 10.91 -3.53
CA GLY A 110 -0.07 10.55 -4.63
C GLY A 110 -0.19 11.66 -5.65
N SER A 111 -0.91 11.36 -6.74
CA SER A 111 -1.04 12.29 -7.84
C SER A 111 -2.50 12.69 -8.09
N HIS A 112 -2.63 13.84 -8.73
CA HIS A 112 -3.92 14.34 -9.21
C HIS A 112 -3.61 14.94 -10.58
N GLY A 113 -3.97 14.24 -11.64
CA GLY A 113 -3.51 14.66 -12.95
C GLY A 113 -2.00 14.73 -12.94
N CYS A 114 -1.46 15.84 -13.44
CA CYS A 114 -0.02 16.01 -13.48
C CYS A 114 0.56 16.57 -12.18
N ILE A 115 -0.27 16.77 -11.15
CA ILE A 115 0.19 17.24 -9.86
C ILE A 115 0.72 16.07 -9.04
N HIS A 116 1.94 16.22 -8.52
CA HIS A 116 2.58 15.25 -7.65
C HIS A 116 2.57 15.82 -6.25
N HIS A 117 1.84 15.20 -5.34
CA HIS A 117 1.64 15.79 -4.03
C HIS A 117 2.82 15.54 -3.10
N SER A 118 3.17 16.56 -2.32
CA SER A 118 3.89 16.37 -1.06
C SER A 118 2.95 16.39 0.16
N SER A 119 1.71 16.79 -0.03
CA SER A 119 0.81 16.95 1.09
C SER A 119 0.47 15.62 1.76
N VAL A 120 0.05 15.72 3.00
CA VAL A 120 -0.27 14.60 3.88
C VAL A 120 -1.46 15.02 4.73
N GLU A 121 -2.43 14.11 4.91
CA GLU A 121 -3.59 14.42 5.74
C GLU A 121 -3.91 13.23 6.64
N ARG A 122 -4.63 13.50 7.72
CA ARG A 122 -4.87 12.52 8.77
C ARG A 122 -6.36 12.44 9.05
N TYR A 123 -6.86 11.21 9.09
CA TYR A 123 -8.27 10.92 9.30
C TYR A 123 -8.52 10.42 10.72
N GLU A 124 -9.59 10.93 11.31
CA GLU A 124 -10.04 10.60 12.66
C GLU A 124 -11.34 9.82 12.55
N PRO A 125 -11.32 8.49 12.67
CA PRO A 125 -12.57 7.74 12.47
C PRO A 125 -13.70 8.14 13.41
N GLU A 126 -13.38 8.46 14.66
CA GLU A 126 -14.42 8.78 15.64
C GLU A 126 -15.17 10.06 15.27
N ARG A 127 -14.49 11.01 14.64
CA ARG A 127 -15.12 12.25 14.21
C ARG A 127 -15.47 12.26 12.73
N ASP A 128 -15.02 11.29 11.96
CA ASP A 128 -15.20 11.25 10.51
C ASP A 128 -14.73 12.55 9.86
N GLU A 129 -13.49 12.94 10.17
CA GLU A 129 -12.91 14.15 9.65
C GLU A 129 -11.47 13.91 9.22
N TRP A 130 -11.08 14.55 8.12
CA TRP A 130 -9.70 14.66 7.70
C TRP A 130 -9.16 16.05 8.02
N HIS A 131 -7.88 16.12 8.34
CA HIS A 131 -7.19 17.39 8.48
C HIS A 131 -5.78 17.26 7.92
N LEU A 132 -5.30 18.28 7.25
CA LEU A 132 -3.94 18.27 6.72
C LEU A 132 -2.94 18.38 7.85
N VAL A 133 -1.81 17.71 7.69
CA VAL A 133 -0.66 17.82 8.58
C VAL A 133 0.51 18.35 7.77
N ALA A 134 1.71 18.35 8.35
CA ALA A 134 2.85 18.90 7.63
C ALA A 134 3.10 18.10 6.35
N PRO A 135 3.42 18.76 5.25
CA PRO A 135 3.73 18.03 4.02
C PRO A 135 5.12 17.41 4.08
N MET A 136 5.33 16.36 3.29
CA MET A 136 6.64 15.78 3.13
C MET A 136 7.64 16.79 2.58
N LEU A 137 8.92 16.47 2.73
CA LEU A 137 9.99 17.27 2.17
C LEU A 137 10.11 17.08 0.66
N THR A 138 9.48 16.05 0.12
CA THR A 138 9.59 15.67 -1.28
C THR A 138 8.20 15.33 -1.80
N ARG A 139 7.91 15.73 -3.03
CA ARG A 139 6.71 15.27 -3.70
C ARG A 139 6.89 13.81 -4.08
N ARG A 140 5.90 12.96 -3.78
CA ARG A 140 6.06 11.53 -4.01
C ARG A 140 4.74 10.90 -4.44
N ILE A 141 4.75 10.29 -5.61
CA ILE A 141 3.66 9.44 -6.05
C ILE A 141 4.21 8.02 -6.15
N GLY A 142 3.33 7.03 -6.01
CA GLY A 142 3.82 5.66 -5.95
C GLY A 142 4.68 5.45 -4.74
N VAL A 143 4.35 6.13 -3.65
CA VAL A 143 5.13 6.17 -2.42
C VAL A 143 4.76 4.99 -1.54
N GLY A 144 5.77 4.33 -0.97
CA GLY A 144 5.54 3.26 0.00
C GLY A 144 5.50 3.86 1.40
N VAL A 145 4.52 3.44 2.18
CA VAL A 145 4.30 3.98 3.51
C VAL A 145 4.20 2.85 4.53
N ALA A 146 4.83 3.03 5.68
CA ALA A 146 4.65 2.08 6.76
C ALA A 146 4.89 2.79 8.08
N VAL A 147 4.38 2.19 9.14
CA VAL A 147 4.46 2.73 10.49
C VAL A 147 5.19 1.72 11.38
N LEU A 148 6.17 2.23 12.13
CA LEU A 148 6.90 1.42 13.09
C LEU A 148 7.15 2.29 14.31
N ASN A 149 6.77 1.78 15.49
CA ASN A 149 7.02 2.49 16.75
C ASN A 149 6.40 3.88 16.72
N ARG A 150 5.19 3.99 16.15
CA ARG A 150 4.43 5.25 16.12
C ARG A 150 5.17 6.36 15.39
N LEU A 151 5.97 5.98 14.40
CA LEU A 151 6.60 6.88 13.45
C LEU A 151 6.19 6.42 12.05
N LEU A 152 5.97 7.40 11.14
N LEU A 152 5.90 7.38 11.17
CA LEU A 152 5.43 7.18 9.79
CA LEU A 152 5.45 7.07 9.82
C LEU A 152 6.54 7.36 8.76
C LEU A 152 6.57 7.30 8.84
N TYR A 153 6.77 6.34 7.93
CA TYR A 153 7.82 6.40 6.92
C TYR A 153 7.22 6.48 5.53
N ALA A 154 7.81 7.34 4.71
CA ALA A 154 7.47 7.49 3.30
C ALA A 154 8.71 7.16 2.49
N VAL A 155 8.60 6.20 1.59
CA VAL A 155 9.75 5.54 0.98
C VAL A 155 9.64 5.55 -0.53
N GLY A 156 10.65 6.11 -1.20
CA GLY A 156 10.72 6.05 -2.65
C GLY A 156 9.61 6.83 -3.33
N GLY A 157 9.25 6.37 -4.52
CA GLY A 157 8.24 7.03 -5.34
C GLY A 157 8.84 7.78 -6.51
N PHE A 158 8.03 8.70 -7.04
CA PHE A 158 8.35 9.49 -8.23
C PHE A 158 7.89 10.92 -7.96
N ASP A 159 8.80 11.88 -8.18
CA ASP A 159 8.52 13.28 -7.83
C ASP A 159 8.05 14.12 -9.00
N GLY A 160 7.78 13.50 -10.15
CA GLY A 160 7.42 14.22 -11.34
C GLY A 160 8.55 14.31 -12.36
N THR A 161 9.77 14.04 -11.94
CA THR A 161 10.94 14.02 -12.80
C THR A 161 11.82 12.82 -12.56
N ASN A 162 12.09 12.48 -11.31
CA ASN A 162 12.97 11.36 -10.99
C ASN A 162 12.24 10.32 -10.16
N ARG A 163 12.51 9.05 -10.44
CA ARG A 163 12.23 8.00 -9.47
C ARG A 163 13.24 8.12 -8.33
N LEU A 164 12.81 7.74 -7.13
CA LEU A 164 13.51 8.11 -5.91
C LEU A 164 14.04 6.91 -5.13
N ASN A 165 15.27 7.04 -4.63
CA ASN A 165 15.74 6.16 -3.56
C ASN A 165 15.60 6.79 -2.18
N SER A 166 15.17 8.04 -2.10
CA SER A 166 15.12 8.73 -0.82
C SER A 166 13.93 8.25 0.01
N ALA A 167 14.01 8.53 1.31
CA ALA A 167 12.96 8.18 2.25
C ALA A 167 12.97 9.21 3.36
N GLU A 168 11.84 9.32 4.06
CA GLU A 168 11.69 10.31 5.13
C GLU A 168 10.74 9.76 6.18
N CYS A 169 10.81 10.37 7.36
CA CYS A 169 10.07 9.94 8.53
C CYS A 169 9.33 11.11 9.15
N TYR A 170 8.08 10.86 9.55
CA TYR A 170 7.22 11.84 10.18
C TYR A 170 7.12 11.55 11.68
N TYR A 171 7.40 12.58 12.47
CA TYR A 171 7.41 12.50 13.93
C TYR A 171 6.17 13.24 14.42
N PRO A 172 5.11 12.52 14.80
CA PRO A 172 3.82 13.20 15.01
C PRO A 172 3.85 14.28 16.06
N GLU A 173 4.56 14.08 17.16
CA GLU A 173 4.55 15.04 18.25
C GLU A 173 5.22 16.35 17.87
N ARG A 174 6.00 16.38 16.81
CA ARG A 174 6.60 17.60 16.31
C ARG A 174 5.96 18.06 14.99
N ASN A 175 5.03 17.28 14.44
CA ASN A 175 4.42 17.54 13.13
C ASN A 175 5.50 17.91 12.12
N GLU A 176 6.50 17.03 12.00
CA GLU A 176 7.70 17.34 11.24
C GLU A 176 8.19 16.09 10.51
N TRP A 177 8.69 16.30 9.29
CA TRP A 177 9.32 15.27 8.49
C TRP A 177 10.83 15.49 8.49
N ARG A 178 11.58 14.38 8.50
CA ARG A 178 13.03 14.43 8.38
C ARG A 178 13.46 13.33 7.43
N MET A 179 14.48 13.62 6.62
CA MET A 179 15.03 12.57 5.75
C MET A 179 15.66 11.47 6.59
N ILE A 180 15.55 10.24 6.10
CA ILE A 180 16.34 9.14 6.65
C ILE A 180 17.36 8.70 5.61
N THR A 181 18.20 7.72 5.97
CA THR A 181 19.14 7.16 5.00
C THR A 181 18.38 6.74 3.74
N PRO A 182 18.88 7.06 2.55
CA PRO A 182 18.22 6.58 1.33
C PRO A 182 18.44 5.09 1.13
N MET A 183 17.49 4.48 0.42
CA MET A 183 17.63 3.09 0.03
C MET A 183 18.83 2.93 -0.89
N ASN A 184 19.28 1.68 -1.02
CA ASN A 184 20.30 1.38 -2.00
C ASN A 184 19.79 1.34 -3.43
N THR A 185 18.48 1.27 -3.62
CA THR A 185 17.88 1.12 -4.94
C THR A 185 16.80 2.17 -5.12
N ILE A 186 16.73 2.75 -6.32
CA ILE A 186 15.61 3.61 -6.69
C ILE A 186 14.39 2.74 -6.86
N ARG A 187 13.28 3.11 -6.20
CA ARG A 187 12.06 2.32 -6.28
C ARG A 187 10.86 3.24 -6.28
N SER A 188 10.02 3.09 -7.29
CA SER A 188 8.72 3.74 -7.36
C SER A 188 7.66 2.67 -7.55
N GLY A 189 6.54 2.80 -6.85
CA GLY A 189 5.53 1.76 -6.93
C GLY A 189 5.98 0.44 -6.34
N ALA A 190 6.78 0.50 -5.28
CA ALA A 190 7.19 -0.67 -4.52
C ALA A 190 6.12 -1.02 -3.48
N GLY A 191 6.29 -2.16 -2.83
CA GLY A 191 5.53 -2.51 -1.64
C GLY A 191 6.37 -2.25 -0.42
N VAL A 192 5.80 -1.52 0.54
CA VAL A 192 6.50 -1.18 1.76
C VAL A 192 5.66 -1.58 2.95
N CYS A 193 6.30 -2.24 3.92
CA CYS A 193 5.61 -2.73 5.10
C CYS A 193 6.60 -2.77 6.25
N VAL A 194 6.11 -3.10 7.43
CA VAL A 194 6.94 -3.24 8.62
C VAL A 194 6.89 -4.67 9.10
N LEU A 195 8.05 -5.18 9.50
CA LEU A 195 8.14 -6.52 10.07
C LEU A 195 9.26 -6.47 11.10
N HIS A 196 8.91 -6.80 12.34
CA HIS A 196 9.87 -6.71 13.44
C HIS A 196 10.34 -5.27 13.54
N ASN A 197 11.64 -5.00 13.60
CA ASN A 197 12.13 -3.64 13.79
C ASN A 197 12.61 -3.01 12.49
N CYS A 198 12.12 -3.50 11.34
CA CYS A 198 12.57 -2.96 10.05
C CYS A 198 11.41 -2.59 9.14
N ILE A 199 11.68 -1.58 8.31
CA ILE A 199 10.84 -1.20 7.18
C ILE A 199 11.35 -1.90 5.94
N TYR A 200 10.50 -2.73 5.31
CA TYR A 200 10.88 -3.44 4.10
C TYR A 200 10.35 -2.70 2.88
N ALA A 201 11.17 -2.67 1.83
CA ALA A 201 10.79 -2.16 0.53
C ALA A 201 11.04 -3.26 -0.49
N ALA A 202 9.98 -3.74 -1.13
CA ALA A 202 10.04 -4.86 -2.04
C ALA A 202 9.63 -4.42 -3.44
N GLY A 203 10.41 -4.81 -4.44
CA GLY A 203 10.02 -4.55 -5.81
C GLY A 203 10.01 -3.08 -6.16
N GLY A 204 9.14 -2.75 -7.10
CA GLY A 204 9.03 -1.40 -7.62
C GLY A 204 9.58 -1.30 -9.03
N TYR A 205 9.65 -0.05 -9.49
CA TYR A 205 10.13 0.29 -10.81
C TYR A 205 11.21 1.35 -10.65
N ASP A 206 12.34 1.17 -11.30
CA ASP A 206 13.49 2.05 -11.07
C ASP A 206 13.68 3.05 -12.20
N GLY A 207 12.70 3.19 -13.09
CA GLY A 207 12.82 3.96 -14.30
C GLY A 207 13.06 3.13 -15.53
N GLN A 208 13.73 1.99 -15.39
CA GLN A 208 14.08 1.11 -16.50
C GLN A 208 13.48 -0.28 -16.39
N ASP A 209 13.43 -0.85 -15.18
CA ASP A 209 13.00 -2.22 -15.00
C ASP A 209 12.13 -2.34 -13.76
N GLN A 210 11.20 -3.30 -13.80
CA GLN A 210 10.56 -3.79 -12.58
C GLN A 210 11.57 -4.62 -11.79
N LEU A 211 11.46 -4.55 -10.46
CA LEU A 211 12.48 -5.09 -9.58
C LEU A 211 11.96 -6.29 -8.80
N ASN A 212 12.85 -7.26 -8.55
CA ASN A 212 12.58 -8.31 -7.58
C ASN A 212 13.36 -8.15 -6.29
N SER A 213 14.26 -7.16 -6.20
CA SER A 213 15.07 -7.05 -5.00
C SER A 213 14.22 -6.49 -3.85
N VAL A 214 14.68 -6.76 -2.64
CA VAL A 214 14.00 -6.40 -1.40
C VAL A 214 15.06 -5.94 -0.42
N GLU A 215 14.84 -4.80 0.21
CA GLU A 215 15.77 -4.29 1.20
C GLU A 215 15.01 -3.82 2.43
N ARG A 216 15.69 -3.79 3.57
CA ARG A 216 15.03 -3.42 4.82
C ARG A 216 15.86 -2.41 5.60
N TYR A 217 15.17 -1.47 6.20
CA TYR A 217 15.73 -0.37 6.96
C TYR A 217 15.57 -0.69 8.44
N ASP A 218 16.68 -0.82 9.15
CA ASP A 218 16.67 -1.05 10.59
C ASP A 218 16.60 0.32 11.23
N VAL A 219 15.52 0.59 11.96
CA VAL A 219 15.30 1.94 12.45
C VAL A 219 16.29 2.33 13.54
N GLU A 220 16.97 1.36 14.16
CA GLU A 220 17.98 1.67 15.17
C GLU A 220 19.32 2.01 14.53
N THR A 221 19.77 1.18 13.58
CA THR A 221 21.09 1.35 12.98
C THR A 221 21.08 2.29 11.78
N GLU A 222 19.91 2.61 11.24
CA GLU A 222 19.74 3.55 10.13
C GLU A 222 20.39 3.05 8.85
N THR A 223 20.46 1.73 8.67
CA THR A 223 21.03 1.16 7.46
C THR A 223 19.96 0.40 6.70
N TRP A 224 20.15 0.30 5.39
CA TRP A 224 19.35 -0.54 4.52
C TRP A 224 20.18 -1.75 4.12
N THR A 225 19.59 -2.93 4.23
CA THR A 225 20.25 -4.20 3.90
C THR A 225 19.36 -4.98 2.95
N PHE A 226 19.95 -5.54 1.90
CA PHE A 226 19.18 -6.42 1.03
C PHE A 226 18.90 -7.77 1.72
N VAL A 227 17.70 -8.29 1.51
CA VAL A 227 17.35 -9.66 1.90
C VAL A 227 17.17 -10.48 0.63
N ALA A 228 16.69 -11.72 0.75
CA ALA A 228 16.48 -12.53 -0.44
C ALA A 228 15.52 -11.81 -1.40
N PRO A 229 15.79 -11.87 -2.71
CA PRO A 229 14.85 -11.27 -3.67
C PRO A 229 13.61 -12.13 -3.86
N MET A 230 12.54 -11.48 -4.29
CA MET A 230 11.34 -12.21 -4.65
C MET A 230 11.59 -13.07 -5.89
N ARG A 231 10.75 -14.09 -6.06
CA ARG A 231 10.82 -14.91 -7.27
C ARG A 231 10.45 -14.09 -8.50
N HIS A 232 9.49 -13.19 -8.37
CA HIS A 232 9.01 -12.41 -9.50
C HIS A 232 9.34 -10.93 -9.34
N HIS A 233 9.86 -10.33 -10.40
CA HIS A 233 9.92 -8.88 -10.47
C HIS A 233 8.51 -8.31 -10.48
N ARG A 234 8.29 -7.24 -9.74
CA ARG A 234 6.96 -6.67 -9.70
C ARG A 234 6.97 -5.19 -9.34
N SER A 235 6.15 -4.43 -10.04
CA SER A 235 5.81 -3.06 -9.66
C SER A 235 4.32 -3.00 -9.36
N ALA A 236 3.92 -2.01 -8.59
CA ALA A 236 2.49 -1.85 -8.26
C ALA A 236 1.94 -3.11 -7.58
N LEU A 237 2.72 -3.68 -6.67
CA LEU A 237 2.33 -4.83 -5.90
C LEU A 237 1.57 -4.41 -4.65
N GLY A 238 0.71 -5.29 -4.16
CA GLY A 238 0.16 -5.16 -2.83
C GLY A 238 1.06 -5.87 -1.83
N ILE A 239 1.05 -5.41 -0.58
CA ILE A 239 1.90 -6.00 0.44
C ILE A 239 1.20 -5.90 1.78
N THR A 240 1.41 -6.91 2.61
CA THR A 240 0.95 -6.85 3.99
C THR A 240 1.77 -7.84 4.80
N VAL A 241 1.58 -7.80 6.11
CA VAL A 241 2.23 -8.71 7.03
C VAL A 241 1.16 -9.46 7.79
N HIS A 242 1.39 -10.75 8.01
CA HIS A 242 0.46 -11.58 8.74
C HIS A 242 1.25 -12.67 9.41
N GLN A 243 1.07 -12.79 10.73
CA GLN A 243 1.73 -13.85 11.51
C GLN A 243 3.22 -13.95 11.20
N GLY A 244 3.87 -12.80 11.18
CA GLY A 244 5.32 -12.77 11.12
C GLY A 244 5.93 -12.98 9.75
N LYS A 245 5.12 -12.94 8.70
CA LYS A 245 5.60 -13.13 7.34
C LYS A 245 5.03 -12.02 6.46
N ILE A 246 5.78 -11.66 5.43
CA ILE A 246 5.35 -10.68 4.44
C ILE A 246 4.66 -11.42 3.31
N TYR A 247 3.54 -10.88 2.85
CA TYR A 247 2.84 -11.37 1.68
C TYR A 247 2.84 -10.28 0.62
N VAL A 248 3.23 -10.62 -0.60
CA VAL A 248 3.16 -9.71 -1.74
C VAL A 248 2.17 -10.28 -2.73
N LEU A 249 1.32 -9.40 -3.27
CA LEU A 249 0.19 -9.80 -4.11
C LEU A 249 0.22 -9.08 -5.43
N GLY A 250 0.27 -9.85 -6.52
CA GLY A 250 0.12 -9.30 -7.85
C GLY A 250 1.21 -8.31 -8.21
N GLY A 251 0.84 -7.37 -9.08
CA GLY A 251 1.76 -6.42 -9.65
C GLY A 251 1.99 -6.70 -11.12
N TYR A 252 2.91 -5.94 -11.70
CA TYR A 252 3.23 -6.04 -13.11
C TYR A 252 4.73 -6.33 -13.24
N ASP A 253 5.07 -7.32 -14.07
CA ASP A 253 6.46 -7.75 -14.21
C ASP A 253 7.08 -7.30 -15.51
N GLY A 254 6.46 -6.38 -16.23
CA GLY A 254 6.89 -5.99 -17.54
C GLY A 254 6.28 -6.79 -18.68
N HIS A 255 5.49 -7.82 -18.37
CA HIS A 255 4.96 -8.70 -19.40
C HIS A 255 3.55 -9.12 -19.05
N THR A 256 3.33 -9.43 -17.78
CA THR A 256 2.08 -9.98 -17.29
C THR A 256 1.63 -9.22 -16.04
N PHE A 257 0.32 -9.06 -15.90
CA PHE A 257 -0.28 -8.68 -14.62
C PHE A 257 -0.37 -9.96 -13.79
N LEU A 258 0.42 -10.02 -12.72
CA LEU A 258 0.66 -11.26 -12.01
C LEU A 258 -0.53 -11.63 -11.15
N ASP A 259 -0.81 -12.93 -11.08
CA ASP A 259 -1.68 -13.47 -10.03
C ASP A 259 -0.89 -14.05 -8.86
N SER A 260 0.44 -14.09 -8.97
CA SER A 260 1.27 -14.69 -7.95
C SER A 260 1.18 -13.97 -6.61
N VAL A 261 1.08 -14.74 -5.52
CA VAL A 261 1.26 -14.27 -4.15
C VAL A 261 2.46 -14.99 -3.58
N GLU A 262 3.47 -14.24 -3.16
CA GLU A 262 4.66 -14.80 -2.53
C GLU A 262 4.67 -14.41 -1.05
N CYS A 263 5.35 -15.24 -0.25
CA CYS A 263 5.39 -15.08 1.19
C CYS A 263 6.85 -15.15 1.63
N TYR A 264 7.28 -14.15 2.41
CA TYR A 264 8.65 -14.08 2.90
C TYR A 264 8.70 -14.51 4.35
N ASP A 265 9.57 -15.47 4.64
CA ASP A 265 9.83 -15.95 5.98
C ASP A 265 11.13 -15.33 6.45
N PRO A 266 11.11 -14.41 7.43
CA PRO A 266 12.37 -13.76 7.84
C PRO A 266 13.33 -14.69 8.57
N ASP A 267 12.84 -15.79 9.15
CA ASP A 267 13.73 -16.68 9.88
C ASP A 267 14.64 -17.45 8.95
N SER A 268 14.12 -17.86 7.80
CA SER A 268 14.90 -18.58 6.80
C SER A 268 15.42 -17.66 5.70
N ASP A 269 14.95 -16.41 5.64
CA ASP A 269 15.31 -15.49 4.56
C ASP A 269 15.00 -16.11 3.20
N THR A 270 13.76 -16.59 3.06
CA THR A 270 13.33 -17.20 1.81
C THR A 270 11.92 -16.74 1.47
N TRP A 271 11.65 -16.70 0.17
CA TRP A 271 10.33 -16.46 -0.37
C TRP A 271 9.77 -17.75 -0.96
N SER A 272 8.47 -17.97 -0.80
N SER A 272 8.47 -17.95 -0.82
CA SER A 272 7.80 -19.08 -1.47
CA SER A 272 7.79 -19.09 -1.45
C SER A 272 6.49 -18.59 -2.06
C SER A 272 6.47 -18.61 -2.05
N GLU A 273 6.04 -19.29 -3.10
CA GLU A 273 4.73 -19.01 -3.69
C GLU A 273 3.69 -19.72 -2.83
N VAL A 274 2.68 -19.00 -2.37
CA VAL A 274 1.73 -19.58 -1.42
C VAL A 274 0.32 -19.71 -1.99
N THR A 275 -0.05 -18.90 -2.96
CA THR A 275 -1.36 -18.99 -3.60
C THR A 275 -1.30 -18.15 -4.86
N ARG A 276 -2.38 -18.19 -5.62
CA ARG A 276 -2.59 -17.28 -6.73
C ARG A 276 -3.89 -16.54 -6.50
N MET A 277 -3.89 -15.26 -6.80
CA MET A 277 -5.15 -14.54 -6.84
C MET A 277 -6.03 -15.14 -7.93
N THR A 278 -7.32 -14.83 -7.86
CA THR A 278 -8.25 -15.40 -8.83
C THR A 278 -8.02 -14.86 -10.24
N SER A 279 -7.33 -13.74 -10.38
CA SER A 279 -6.97 -13.21 -11.69
C SER A 279 -5.81 -12.25 -11.47
N GLY A 280 -4.94 -12.12 -12.47
CA GLY A 280 -3.80 -11.24 -12.35
C GLY A 280 -4.23 -9.77 -12.36
N ARG A 281 -3.55 -8.97 -11.56
CA ARG A 281 -3.90 -7.56 -11.41
C ARG A 281 -2.76 -6.85 -10.71
N SER A 282 -2.71 -5.53 -10.89
CA SER A 282 -1.76 -4.68 -10.20
C SER A 282 -2.51 -3.58 -9.45
N GLY A 283 -1.77 -2.83 -8.62
CA GLY A 283 -2.33 -1.63 -8.04
C GLY A 283 -3.43 -1.85 -7.02
N VAL A 284 -3.39 -2.96 -6.30
CA VAL A 284 -4.40 -3.26 -5.29
C VAL A 284 -4.07 -2.55 -3.98
N GLY A 285 -5.10 -2.45 -3.14
CA GLY A 285 -4.92 -2.15 -1.74
C GLY A 285 -5.10 -3.42 -0.91
N VAL A 286 -4.34 -3.55 0.17
CA VAL A 286 -4.31 -4.80 0.94
C VAL A 286 -4.28 -4.47 2.42
N ALA A 287 -5.00 -5.27 3.20
CA ALA A 287 -4.91 -5.18 4.66
C ALA A 287 -5.47 -6.46 5.26
N VAL A 288 -5.30 -6.61 6.57
CA VAL A 288 -5.65 -7.81 7.30
C VAL A 288 -6.67 -7.47 8.37
N THR A 289 -7.78 -8.22 8.41
CA THR A 289 -8.72 -8.13 9.51
C THR A 289 -9.51 -9.43 9.60
N MET A 290 -10.49 -9.44 10.50
CA MET A 290 -11.23 -10.66 10.77
C MET A 290 -12.08 -11.08 9.56
N GLU A 291 -12.33 -12.39 9.48
CA GLU A 291 -13.15 -12.93 8.39
C GLU A 291 -14.58 -12.41 8.52
N PRO A 292 -15.31 -12.32 7.40
CA PRO A 292 -16.64 -11.70 7.39
C PRO A 292 -17.75 -12.63 7.87
C1 QH5 B . -0.52 -0.20 -13.38
C10 QH5 B . 3.84 3.54 -10.78
C11 QH5 B . 3.77 2.43 -11.71
C12 QH5 B . 3.87 0.92 -11.31
C13 QH5 B . 5.00 1.56 -12.15
C14 QH5 B . 4.80 4.55 -10.69
C15 QH5 B . 5.89 4.89 -11.54
C16 QH5 B . 4.39 5.32 -9.53
C17 QH5 B . 1.48 2.38 -8.09
C18 QH5 B . 0.23 1.70 -7.92
C19 QH5 B . -0.66 1.53 -9.00
C2 QH5 B . 0.74 -0.71 -12.98
C3 QH5 B . 1.71 -1.20 -13.89
C4 QH5 B . 1.43 -1.19 -15.28
C5 QH5 B . 0.18 -0.68 -15.73
C6 QH5 B . -0.77 -0.21 -14.78
C7 QH5 B . -0.35 2.02 -10.29
C8 QH5 B . 0.86 2.69 -10.47
C9 QH5 B . 1.79 2.85 -9.41
N1 QH5 B . -1.30 1.87 -11.39
N2 QH5 B . 2.97 3.63 -9.74
N3 QH5 B . 5.94 4.72 -12.92
N4 QH5 B . 7.12 5.19 -13.36
N5 QH5 B . 7.79 5.71 -12.24
N6 QH5 B . 7.03 5.54 -11.15
N7 QH5 B . 3.29 4.72 -8.96
O1 QH5 B . -3.05 0.68 -12.83
O2 QH5 B . -2.02 -0.57 -11.14
S1 QH5 B . -1.81 0.44 -12.15
H8 QH5 B . 3.02 2.53 -12.52
H9 QH5 B . 3.23 0.21 -11.79
H10 QH5 B . 4.10 0.66 -10.29
H11 QH5 B . 5.08 1.25 -13.19
H12 QH5 B . 5.96 1.71 -11.66
H14 QH5 B . 4.86 6.24 -9.12
H15 QH5 B . 2.16 2.54 -7.24
H16 QH5 B . -0.04 1.30 -6.90
H17 QH5 B . -1.61 0.99 -8.81
H1 QH5 B . 1.00 -0.74 -11.89
H2 QH5 B . 2.69 -1.59 -13.54
H3 QH5 B . 2.18 -1.55 -16.01
H4 QH5 B . -0.04 -0.69 -16.81
H5 QH5 B . -1.73 0.18 -15.17
H7 QH5 B . 1.12 3.11 -11.45
H6 QH5 B . -1.69 2.79 -11.73
S SO4 C . 15.93 16.34 19.15
O1 SO4 C . 14.73 15.92 19.87
O2 SO4 C . 16.88 15.22 19.15
O3 SO4 C . 15.61 16.65 17.75
O4 SO4 C . 16.60 17.46 19.81
S SO4 D . 0.42 19.45 -3.19
O1 SO4 D . -0.84 19.97 -2.70
O2 SO4 D . 1.08 18.57 -2.25
O3 SO4 D . 0.22 18.81 -4.49
O4 SO4 D . 1.22 20.67 -3.39
S SO4 E . -2.27 4.84 -13.42
O1 SO4 E . -3.32 4.02 -14.00
O2 SO4 E . -2.51 5.02 -12.00
O3 SO4 E . -2.24 6.13 -14.08
O4 SO4 E . -0.98 4.18 -13.60
S DMS F . -7.54 21.57 7.74
O DMS F . -6.97 20.57 6.81
C1 DMS F . -9.22 21.06 8.18
C2 DMS F . -6.69 21.53 9.34
H11 DMS F . -9.31 20.01 8.10
H12 DMS F . -9.91 21.53 7.53
H13 DMS F . -9.43 21.35 9.17
H21 DMS F . -5.65 21.38 9.17
H22 DMS F . -7.07 20.72 9.91
H23 DMS F . -6.85 22.44 9.85
S DMS G . -1.32 10.25 16.30
O DMS G . -1.84 10.18 14.90
C1 DMS G . 0.49 10.24 16.31
C2 DMS G . -1.61 11.91 16.96
H11 DMS G . 0.85 10.27 15.31
H12 DMS G . 0.84 9.35 16.78
H13 DMS G . 0.84 11.08 16.84
H21 DMS G . -2.60 11.99 17.31
H22 DMS G . -1.46 12.62 16.18
H23 DMS G . -0.93 12.10 17.75
S DMS H . -17.52 14.57 1.15
O DMS H . -16.78 14.15 2.38
C1 DMS H . -16.72 16.00 0.40
C2 DMS H . -17.39 13.35 -0.18
H11 DMS H . -16.82 16.83 1.04
H12 DMS H . -17.19 16.21 -0.53
H13 DMS H . -15.70 15.79 0.23
H21 DMS H . -17.20 12.39 0.23
H22 DMS H . -16.61 13.62 -0.83
H23 DMS H . -18.30 13.32 -0.72
S DMS I . 3.94 22.89 13.50
O DMS I . 2.72 22.05 13.62
C1 DMS I . 5.20 22.38 14.70
C2 DMS I . 4.80 22.43 11.96
H11 DMS I . 4.87 22.62 15.69
H12 DMS I . 6.11 22.88 14.51
H13 DMS I . 5.36 21.33 14.63
H21 DMS I . 4.20 22.69 11.13
H22 DMS I . 4.99 21.40 11.96
H23 DMS I . 5.72 22.95 11.91
S DMS J . 6.61 24.55 -8.01
O DMS J . 7.21 25.80 -8.57
C1 DMS J . 5.12 24.98 -7.07
C2 DMS J . 5.93 23.58 -9.37
H11 DMS J . 5.39 25.31 -6.10
H12 DMS J . 4.51 24.11 -6.98
H13 DMS J . 4.58 25.73 -7.57
H21 DMS J . 6.71 23.17 -9.95
H22 DMS J . 5.33 24.20 -9.98
H23 DMS J . 5.34 22.79 -8.98
S DMS K . -5.58 14.26 18.32
O DMS K . -5.53 12.85 18.85
C1 DMS K . -7.24 14.95 18.63
C2 DMS K . -4.61 15.34 19.42
H11 DMS K . -7.95 14.42 18.05
H12 DMS K . -7.24 15.97 18.36
H13 DMS K . -7.47 14.86 19.66
H21 DMS K . -3.59 15.06 19.36
H22 DMS K . -4.95 15.24 20.41
H23 DMS K . -4.73 16.35 19.10
S DMS L . 5.08 7.80 -14.90
O DMS L . 5.29 8.16 -13.46
C1 DMS L . 3.32 7.97 -15.32
C2 DMS L . 5.75 9.13 -15.95
H11 DMS L . 2.79 7.15 -14.93
H12 DMS L . 3.21 8.00 -16.37
H13 DMS L . 2.94 8.87 -14.91
H21 DMS L . 6.77 9.26 -15.75
H22 DMS L . 5.22 10.03 -15.75
H23 DMS L . 5.61 8.87 -16.97
S DMS M . 5.38 0.13 -15.09
O DMS M . 6.03 -1.00 -14.33
C1 DMS M . 6.61 1.40 -15.52
C2 DMS M . 4.70 -0.29 -16.70
H11 DMS M . 7.01 1.82 -14.63
H12 DMS M . 6.15 2.16 -16.09
H13 DMS M . 7.38 0.96 -16.09
H21 DMS M . 4.02 -1.10 -16.61
H22 DMS M . 5.49 -0.56 -17.36
H23 DMS M . 4.19 0.55 -17.10
S DMS N . -2.71 -1.35 8.42
O DMS N . -4.10 -1.32 8.97
C1 DMS N . -1.63 -2.29 9.53
C2 DMS N . -2.67 -2.37 6.92
H11 DMS N . -1.53 -1.78 10.44
H12 DMS N . -0.68 -2.40 9.08
H13 DMS N . -2.06 -3.24 9.70
H21 DMS N . -2.41 -1.76 6.09
H22 DMS N . -3.61 -2.81 6.76
H23 DMS N . -1.94 -3.13 7.05
S DMS O . 9.56 7.92 -18.48
O DMS O . 9.64 8.52 -19.86
C1 DMS O . 7.84 7.44 -18.15
C2 DMS O . 10.37 6.29 -18.50
H11 DMS O . 7.58 7.70 -17.16
H12 DMS O . 7.73 6.40 -18.29
H13 DMS O . 7.20 7.94 -18.83
H21 DMS O . 11.39 6.41 -18.73
H22 DMS O . 9.91 5.68 -19.24
H23 DMS O . 10.26 5.83 -17.55
S DMS P . 22.79 -6.38 -4.12
O DMS P . 22.70 -5.57 -5.36
C1 DMS P . 21.24 -7.31 -3.87
C2 DMS P . 23.91 -7.78 -4.39
H11 DMS P . 20.44 -6.62 -3.76
H12 DMS P . 21.32 -7.89 -2.99
H13 DMS P . 21.07 -7.93 -4.70
H21 DMS P . 24.84 -7.42 -4.75
H22 DMS P . 23.49 -8.44 -5.10
H23 DMS P . 24.07 -8.29 -3.47
S DMS Q . 8.13 20.70 -1.95
O DMS Q . 6.64 20.60 -1.88
C1 DMS Q . 8.86 19.08 -1.61
C2 DMS Q . 8.66 20.90 -3.68
H11 DMS Q . 8.65 18.79 -0.62
H12 DMS Q . 9.92 19.13 -1.74
H13 DMS Q . 8.47 18.36 -2.29
H21 DMS Q . 9.72 20.91 -3.73
H22 DMS Q . 8.27 21.80 -4.07
H23 DMS Q . 8.30 20.08 -4.26
#